data_3W19
#
_entry.id   3W19
#
_cell.length_a   44.488
_cell.length_b   44.488
_cell.length_c   208.741
_cell.angle_alpha   90.00
_cell.angle_beta   90.00
_cell.angle_gamma   120.00
#
_symmetry.space_group_name_H-M   'H 3 2'
#
loop_
_entity.id
_entity.type
_entity.pdbx_description
1 polymer 'Transmembrane protein gp41'
2 polymer 'fusion inhibitor CP32M-2'
3 water water
#
loop_
_entity_poly.entity_id
_entity_poly.type
_entity_poly.pdbx_seq_one_letter_code
_entity_poly.pdbx_strand_id
1 'polypeptide(L)' (ACE)NNLLRAIEAQQHLLQLTVWGIKQLQARILAVERYLKDQ(NH2) C
2 'polypeptide(L)' WNEMTWMEWEREIENYTKLIYKILEESQE D
#
# COMPACT_ATOMS: atom_id res chain seq x y z
N ASN A 2 17.46 -12.89 13.73
CA ASN A 2 16.12 -12.80 14.28
C ASN A 2 15.65 -11.37 14.48
N ASN A 3 16.51 -10.52 15.06
CA ASN A 3 16.15 -9.13 15.26
C ASN A 3 15.82 -8.45 13.93
N LEU A 4 16.62 -8.70 12.91
CA LEU A 4 16.39 -8.05 11.63
C LEU A 4 15.05 -8.50 11.05
N LEU A 5 14.75 -9.79 11.14
CA LEU A 5 13.47 -10.32 10.67
C LEU A 5 12.30 -9.65 11.39
N ARG A 6 12.42 -9.52 12.70
CA ARG A 6 11.37 -8.91 13.51
C ARG A 6 11.16 -7.46 13.11
N ALA A 7 12.25 -6.76 12.81
CA ALA A 7 12.18 -5.36 12.40
C ALA A 7 11.46 -5.26 11.06
N ILE A 8 11.82 -6.12 10.11
CA ILE A 8 11.18 -6.14 8.80
C ILE A 8 9.68 -6.42 8.91
N GLU A 9 9.33 -7.38 9.77
CA GLU A 9 7.94 -7.73 10.00
C GLU A 9 7.15 -6.51 10.50
N ALA A 10 7.69 -5.82 11.49
CA ALA A 10 7.04 -4.63 12.06
C ALA A 10 6.97 -3.50 11.03
N GLN A 11 8.03 -3.34 10.26
CA GLN A 11 8.04 -2.33 9.20
C GLN A 11 7.01 -2.63 8.13
N GLN A 12 6.77 -3.91 7.84
CA GLN A 12 5.73 -4.27 6.87
C GLN A 12 4.36 -3.81 7.37
N HIS A 13 4.10 -3.97 8.67
CA HIS A 13 2.85 -3.48 9.25
C HIS A 13 2.73 -1.97 9.14
N LEU A 14 3.83 -1.26 9.37
CA LEU A 14 3.85 0.19 9.17
C LEU A 14 3.52 0.54 7.73
N LEU A 15 4.14 -0.15 6.78
CA LEU A 15 3.88 0.10 5.37
C LEU A 15 2.42 -0.10 5.06
N GLN A 16 1.83 -1.18 5.56
CA GLN A 16 0.42 -1.44 5.33
CA GLN A 16 0.43 -1.45 5.32
C GLN A 16 -0.46 -0.34 5.89
N LEU A 17 -0.09 0.18 7.05
CA LEU A 17 -0.84 1.31 7.63
C LEU A 17 -0.70 2.56 6.76
N THR A 18 0.49 2.84 6.22
CA THR A 18 0.63 4.04 5.39
C THR A 18 -0.14 3.88 4.08
N VAL A 19 -0.20 2.66 3.56
CA VAL A 19 -0.99 2.39 2.37
C VAL A 19 -2.49 2.62 2.62
N TRP A 20 -2.99 2.13 3.75
CA TRP A 20 -4.38 2.38 4.13
C TRP A 20 -4.65 3.88 4.13
N GLY A 21 -3.75 4.63 4.74
CA GLY A 21 -3.94 6.07 4.88
C GLY A 21 -3.94 6.77 3.54
N ILE A 22 -2.99 6.41 2.68
CA ILE A 22 -2.91 7.02 1.35
C ILE A 22 -4.17 6.71 0.54
N LYS A 23 -4.65 5.49 0.61
CA LYS A 23 -5.86 5.12 -0.12
C LYS A 23 -7.04 5.96 0.36
N GLN A 24 -7.18 6.14 1.67
CA GLN A 24 -8.26 6.95 2.24
CA GLN A 24 -8.31 6.92 2.15
C GLN A 24 -8.17 8.38 1.74
N LEU A 25 -6.97 8.94 1.82
CA LEU A 25 -6.77 10.33 1.44
C LEU A 25 -7.04 10.53 -0.05
N GLN A 26 -6.65 9.57 -0.88
CA GLN A 26 -6.86 9.68 -2.31
C GLN A 26 -8.37 9.73 -2.60
N ALA A 27 -9.13 8.84 -1.97
CA ALA A 27 -10.58 8.84 -2.15
C ALA A 27 -11.21 10.16 -1.70
N ARG A 28 -10.72 10.70 -0.60
CA ARG A 28 -11.30 11.92 -0.04
C ARG A 28 -10.97 13.15 -0.89
N ILE A 29 -9.75 13.24 -1.39
CA ILE A 29 -9.39 14.36 -2.26
CA ILE A 29 -9.39 14.36 -2.27
C ILE A 29 -10.15 14.27 -3.57
N LEU A 30 -10.26 13.06 -4.11
CA LEU A 30 -11.01 12.85 -5.33
C LEU A 30 -12.48 13.29 -5.15
N ALA A 31 -13.07 12.96 -4.01
CA ALA A 31 -14.46 13.35 -3.75
C ALA A 31 -14.59 14.88 -3.70
N VAL A 32 -13.61 15.55 -3.10
CA VAL A 32 -13.62 17.02 -3.06
C VAL A 32 -13.42 17.62 -4.45
N GLU A 33 -12.47 17.10 -5.22
CA GLU A 33 -12.25 17.57 -6.57
C GLU A 33 -13.53 17.47 -7.41
N ARG A 34 -14.20 16.34 -7.30
CA ARG A 34 -15.46 16.11 -8.01
C ARG A 34 -16.58 17.04 -7.53
N TYR A 35 -16.68 17.23 -6.22
CA TYR A 35 -17.66 18.17 -5.67
C TYR A 35 -17.46 19.56 -6.28
N LEU A 36 -16.22 20.02 -6.34
CA LEU A 36 -15.94 21.36 -6.84
C LEU A 36 -16.21 21.47 -8.34
N LYS A 37 -15.88 20.42 -9.08
CA LYS A 37 -16.18 20.36 -10.49
C LYS A 37 -17.69 20.44 -10.70
N ASP A 38 -18.43 19.70 -9.88
CA ASP A 38 -19.89 19.62 -10.01
C ASP A 38 -20.54 20.96 -9.66
N GLN A 39 -19.94 21.71 -8.76
CA GLN A 39 -20.53 22.97 -8.33
C GLN A 39 -20.26 24.07 -9.34
N TRP B 1 6.75 7.56 -14.05
CA TRP B 1 5.89 7.73 -12.89
C TRP B 1 4.63 8.51 -13.23
N ASN B 2 4.80 9.61 -13.95
CA ASN B 2 3.67 10.45 -14.34
C ASN B 2 2.67 9.72 -15.23
N GLU B 3 3.04 8.52 -15.67
CA GLU B 3 2.17 7.73 -16.52
C GLU B 3 1.52 6.57 -15.75
N MET B 4 1.36 6.74 -14.45
CA MET B 4 0.77 5.68 -13.62
C MET B 4 -0.54 6.08 -12.98
N THR B 5 -1.48 5.14 -12.92
CA THR B 5 -2.79 5.36 -12.34
C THR B 5 -2.85 4.81 -10.93
N TRP B 6 -3.92 5.14 -10.22
CA TRP B 6 -4.09 4.65 -8.86
C TRP B 6 -4.42 3.15 -8.83
N MET B 7 -5.08 2.65 -9.86
CA MET B 7 -5.35 1.22 -9.93
CA MET B 7 -5.35 1.22 -9.94
C MET B 7 -4.05 0.45 -10.15
N GLU B 8 -3.16 0.99 -10.98
CA GLU B 8 -1.86 0.35 -11.20
C GLU B 8 -1.03 0.41 -9.92
N TRP B 9 -1.08 1.54 -9.25
CA TRP B 9 -0.42 1.72 -7.96
C TRP B 9 -0.86 0.64 -6.97
N GLU B 10 -2.17 0.42 -6.85
CA GLU B 10 -2.68 -0.61 -5.94
C GLU B 10 -2.19 -1.99 -6.34
N ARG B 11 -2.16 -2.27 -7.64
CA ARG B 11 -1.69 -3.56 -8.14
C ARG B 11 -0.24 -3.78 -7.75
N GLU B 12 0.61 -2.77 -7.94
CA GLU B 12 2.02 -2.90 -7.63
C GLU B 12 2.22 -3.06 -6.13
N ILE B 13 1.48 -2.31 -5.31
CA ILE B 13 1.55 -2.45 -3.86
C ILE B 13 1.22 -3.89 -3.47
N GLU B 14 0.14 -4.41 -4.03
CA GLU B 14 -0.31 -5.76 -3.71
CA GLU B 14 -0.31 -5.76 -3.71
C GLU B 14 0.75 -6.79 -4.09
N ASN B 15 1.35 -6.61 -5.26
CA ASN B 15 2.35 -7.56 -5.74
C ASN B 15 3.58 -7.62 -4.83
N TYR B 16 4.10 -6.46 -4.44
CA TYR B 16 5.26 -6.44 -3.56
C TYR B 16 4.90 -6.98 -2.17
N THR B 17 3.71 -6.63 -1.70
CA THR B 17 3.26 -7.07 -0.39
C THR B 17 3.18 -8.60 -0.31
N LYS B 18 2.56 -9.21 -1.32
CA LYS B 18 2.46 -10.66 -1.38
C LYS B 18 3.83 -11.32 -1.44
N LEU B 19 4.76 -10.72 -2.18
CA LEU B 19 6.11 -11.26 -2.28
C LEU B 19 6.79 -11.22 -0.91
N ILE B 20 6.66 -10.10 -0.23
CA ILE B 20 7.28 -9.95 1.08
C ILE B 20 6.72 -10.97 2.07
N TYR B 21 5.41 -11.16 2.07
CA TYR B 21 4.84 -12.16 2.97
CA TYR B 21 4.76 -12.19 2.90
C TYR B 21 5.39 -13.56 2.66
N LYS B 22 5.57 -13.90 1.39
CA LYS B 22 6.11 -15.20 1.04
CA LYS B 22 6.11 -15.21 1.04
C LYS B 22 7.55 -15.35 1.53
N ILE B 23 8.34 -14.30 1.35
CA ILE B 23 9.74 -14.31 1.80
C ILE B 23 9.80 -14.46 3.33
N LEU B 24 8.99 -13.69 4.04
CA LEU B 24 8.97 -13.76 5.51
C LEU B 24 8.51 -15.12 6.00
N GLU B 25 7.53 -15.71 5.33
CA GLU B 25 7.07 -17.04 5.69
C GLU B 25 8.19 -18.07 5.53
N GLU B 26 8.91 -17.97 4.42
CA GLU B 26 10.01 -18.89 4.13
C GLU B 26 11.17 -18.69 5.13
N SER B 27 11.25 -17.51 5.73
CA SER B 27 12.28 -17.24 6.72
C SER B 27 12.00 -17.94 8.04
N GLN B 28 10.74 -18.35 8.23
CA GLN B 28 10.33 -18.98 9.48
C GLN B 28 10.64 -20.47 9.44
N GLU B 29 10.61 -21.06 8.26
CA GLU B 29 10.93 -22.48 8.09
C GLU B 29 12.43 -22.70 8.12
#